data_8XJG
#
_entry.id   8XJG
#
_cell.length_a   43.721
_cell.length_b   107.577
_cell.length_c   34.671
_cell.angle_alpha   90.000
_cell.angle_beta   90.000
_cell.angle_gamma   90.000
#
_symmetry.space_group_name_H-M   'P 21 21 2'
#
loop_
_entity.id
_entity.type
_entity.pdbx_description
1 polymer YqeY
2 non-polymer 'ZINC ION'
3 water water
#
_entity_poly.entity_id   1
_entity_poly.type   'polypeptide(L)'
_entity_poly.pdbx_seq_one_letter_code
;GSAKDPMALIDQLKEEQKLAMKAKDKLRLGTIRLALAAIKQREVDEQITLNDDDILAVLTKMVKQRRDSVTQYEAAGRQD
LADVEQAEITVLEEFMPQPLTEEEVAALIEKAIAESGAAGMQDMGKVMGVLKPQIQGRADMGKVSGLVRAKLA
;
_entity_poly.pdbx_strand_id   A
#
loop_
_chem_comp.id
_chem_comp.type
_chem_comp.name
_chem_comp.formula
ZN non-polymer 'ZINC ION' 'Zn 2'
#
# COMPACT_ATOMS: atom_id res chain seq x y z
N ASP A 5 -14.55 4.55 7.59
CA ASP A 5 -14.68 5.63 6.63
C ASP A 5 -13.45 6.55 6.57
N PRO A 6 -12.25 6.00 6.32
CA PRO A 6 -11.06 6.85 6.29
C PRO A 6 -11.10 7.77 5.08
N MET A 7 -10.47 8.92 5.23
CA MET A 7 -10.33 9.87 4.14
C MET A 7 -9.71 9.19 2.94
N ALA A 8 -10.27 9.44 1.76
CA ALA A 8 -9.69 8.88 0.55
C ALA A 8 -8.22 9.27 0.44
N LEU A 9 -7.42 8.33 -0.10
CA LEU A 9 -5.96 8.57 -0.27
C LEU A 9 -5.73 9.81 -1.13
N ILE A 10 -6.52 10.02 -2.19
CA ILE A 10 -6.31 11.24 -2.98
C ILE A 10 -6.43 12.48 -2.10
N ASP A 11 -7.38 12.48 -1.17
CA ASP A 11 -7.54 13.65 -0.33
C ASP A 11 -6.47 13.70 0.74
N GLN A 12 -6.01 12.54 1.24
CA GLN A 12 -4.89 12.56 2.17
C GLN A 12 -3.65 13.16 1.53
N LEU A 13 -3.41 12.80 0.26
CA LEU A 13 -2.22 13.32 -0.41
C LEU A 13 -2.33 14.83 -0.63
N LYS A 14 -3.51 15.31 -1.06
CA LYS A 14 -3.68 16.74 -1.27
C LYS A 14 -3.59 17.52 0.04
N GLU A 15 -4.15 16.97 1.12
CA GLU A 15 -4.03 17.66 2.42
C GLU A 15 -2.59 17.72 2.87
N GLU A 16 -1.87 16.61 2.72
CA GLU A 16 -0.47 16.59 3.11
C GLU A 16 0.36 17.52 2.25
N GLN A 17 -0.01 17.67 0.97
CA GLN A 17 0.69 18.63 0.11
C GLN A 17 0.52 20.04 0.64
N LYS A 18 -0.70 20.41 1.02
CA LYS A 18 -0.95 21.73 1.57
C LYS A 18 -0.17 21.97 2.86
N LEU A 19 -0.12 20.96 3.73
CA LEU A 19 0.58 21.14 5.01
CA LEU A 19 0.58 21.13 5.01
C LEU A 19 2.09 21.22 4.80
N ALA A 20 2.64 20.36 3.95
CA ALA A 20 4.08 20.39 3.68
C ALA A 20 4.46 21.74 3.07
N MET A 21 3.61 22.28 2.18
CA MET A 21 3.88 23.58 1.61
CA MET A 21 3.89 23.58 1.62
C MET A 21 3.89 24.66 2.70
N LYS A 22 2.88 24.63 3.58
CA LYS A 22 2.82 25.62 4.64
C LYS A 22 3.97 25.47 5.63
N ALA A 23 4.45 24.25 5.81
CA ALA A 23 5.61 23.96 6.65
C ALA A 23 6.93 24.29 5.98
N LYS A 24 6.93 24.61 4.69
CA LYS A 24 8.16 24.75 3.91
C LYS A 24 9.06 23.52 4.08
N ASP A 25 8.43 22.33 4.15
CA ASP A 25 9.15 21.06 4.23
C ASP A 25 9.43 20.61 2.79
N LYS A 26 10.62 20.95 2.29
CA LYS A 26 10.85 20.93 0.84
C LYS A 26 10.85 19.51 0.28
N LEU A 27 11.56 18.58 0.93
CA LEU A 27 11.66 17.23 0.38
C LEU A 27 10.30 16.55 0.41
N ARG A 28 9.62 16.65 1.54
CA ARG A 28 8.27 16.10 1.70
C ARG A 28 7.33 16.64 0.62
N LEU A 29 7.31 17.97 0.46
CA LEU A 29 6.45 18.58 -0.56
C LEU A 29 6.76 18.03 -1.95
N GLY A 30 8.05 17.96 -2.31
CA GLY A 30 8.41 17.49 -3.64
C GLY A 30 7.95 16.06 -3.92
N THR A 31 8.06 15.19 -2.91
CA THR A 31 7.69 13.79 -3.08
C THR A 31 6.19 13.62 -3.14
N ILE A 32 5.44 14.37 -2.31
CA ILE A 32 3.99 14.35 -2.42
C ILE A 32 3.56 14.84 -3.80
N ARG A 33 4.20 15.89 -4.31
CA ARG A 33 3.85 16.39 -5.63
C ARG A 33 4.08 15.35 -6.69
N LEU A 34 5.14 14.56 -6.55
CA LEU A 34 5.40 13.53 -7.57
C LEU A 34 4.34 12.44 -7.51
N ALA A 35 3.91 12.06 -6.31
CA ALA A 35 2.82 11.10 -6.22
C ALA A 35 1.57 11.62 -6.90
N LEU A 36 1.20 12.88 -6.66
CA LEU A 36 0.00 13.43 -7.28
C LEU A 36 0.15 13.52 -8.80
N ALA A 37 1.37 13.80 -9.29
CA ALA A 37 1.63 13.81 -10.73
C ALA A 37 1.52 12.41 -11.33
N ALA A 38 1.98 11.39 -10.60
CA ALA A 38 1.83 10.02 -11.10
C ALA A 38 0.37 9.60 -11.14
N ILE A 39 -0.44 10.06 -10.20
CA ILE A 39 -1.87 9.80 -10.24
C ILE A 39 -2.50 10.50 -11.45
N LYS A 40 -2.16 11.78 -11.66
CA LYS A 40 -2.73 12.50 -12.78
C LYS A 40 -2.36 11.83 -14.10
N GLN A 41 -1.12 11.36 -14.22
CA GLN A 41 -0.68 10.69 -15.43
C GLN A 41 -1.60 9.51 -15.76
N ARG A 42 -1.89 8.67 -14.77
CA ARG A 42 -2.72 7.50 -15.02
C ARG A 42 -4.15 7.90 -15.37
N GLU A 43 -4.69 8.89 -14.66
CA GLU A 43 -6.08 9.29 -14.89
C GLU A 43 -6.25 9.91 -16.28
N VAL A 44 -5.26 10.65 -16.75
CA VAL A 44 -5.30 11.18 -18.11
C VAL A 44 -5.05 10.06 -19.11
N ASP A 45 -3.99 9.28 -18.90
CA ASP A 45 -3.60 8.29 -19.92
C ASP A 45 -4.52 7.08 -19.94
N GLU A 46 -5.07 6.67 -18.80
CA GLU A 46 -5.98 5.54 -18.76
C GLU A 46 -7.45 5.95 -18.78
N GLN A 47 -7.74 7.25 -18.67
CA GLN A 47 -9.10 7.77 -18.72
C GLN A 47 -9.98 7.13 -17.65
N ILE A 48 -9.47 7.13 -16.43
CA ILE A 48 -10.15 6.54 -15.28
C ILE A 48 -9.92 7.44 -14.08
N THR A 49 -10.69 7.20 -13.02
CA THR A 49 -10.42 7.83 -11.73
C THR A 49 -9.86 6.76 -10.80
N LEU A 50 -8.68 7.03 -10.24
CA LEU A 50 -8.06 6.04 -9.38
C LEU A 50 -8.79 5.95 -8.05
N ASN A 51 -8.93 4.73 -7.53
CA ASN A 51 -9.40 4.58 -6.15
C ASN A 51 -8.19 4.37 -5.23
N ASP A 52 -8.45 4.05 -3.96
CA ASP A 52 -7.36 3.92 -3.00
C ASP A 52 -6.40 2.81 -3.40
N ASP A 53 -6.94 1.67 -3.84
CA ASP A 53 -6.03 0.59 -4.22
C ASP A 53 -5.18 0.97 -5.42
N ASP A 54 -5.74 1.74 -6.36
CA ASP A 54 -4.94 2.21 -7.48
C ASP A 54 -3.83 3.12 -7.01
N ILE A 55 -4.16 4.03 -6.09
CA ILE A 55 -3.16 4.96 -5.55
C ILE A 55 -2.09 4.19 -4.78
N LEU A 56 -2.50 3.14 -4.04
CA LEU A 56 -1.51 2.33 -3.34
C LEU A 56 -0.55 1.67 -4.33
N ALA A 57 -1.04 1.28 -5.50
CA ALA A 57 -0.17 0.74 -6.53
C ALA A 57 0.80 1.81 -7.04
N VAL A 58 0.31 3.03 -7.22
CA VAL A 58 1.18 4.15 -7.59
C VAL A 58 2.28 4.32 -6.55
N LEU A 59 1.91 4.35 -5.27
CA LEU A 59 2.91 4.55 -4.21
C LEU A 59 3.88 3.37 -4.12
N THR A 60 3.38 2.14 -4.28
CA THR A 60 4.22 0.97 -4.22
C THR A 60 5.28 1.00 -5.32
N LYS A 61 4.89 1.45 -6.52
CA LYS A 61 5.83 1.54 -7.62
C LYS A 61 6.88 2.61 -7.37
N MET A 62 6.45 3.76 -6.81
CA MET A 62 7.39 4.82 -6.46
C MET A 62 8.38 4.34 -5.40
N VAL A 63 7.90 3.59 -4.41
CA VAL A 63 8.81 3.06 -3.40
C VAL A 63 9.75 2.04 -4.01
N LYS A 64 9.24 1.18 -4.91
CA LYS A 64 10.11 0.23 -5.61
C LYS A 64 11.18 0.97 -6.40
N GLN A 65 10.79 1.97 -7.20
CA GLN A 65 11.78 2.68 -8.02
C GLN A 65 12.84 3.33 -7.15
N ARG A 66 12.42 3.96 -6.06
CA ARG A 66 13.38 4.58 -5.15
C ARG A 66 14.20 3.53 -4.42
N ARG A 67 13.62 2.36 -4.12
CA ARG A 67 14.42 1.32 -3.51
CA ARG A 67 14.42 1.32 -3.51
C ARG A 67 15.49 0.80 -4.46
N ASP A 68 15.22 0.80 -5.77
CA ASP A 68 16.24 0.42 -6.75
C ASP A 68 17.29 1.51 -6.91
N SER A 69 16.90 2.76 -6.71
CA SER A 69 17.89 3.83 -6.67
C SER A 69 18.77 3.71 -5.44
N VAL A 70 18.19 3.36 -4.29
CA VAL A 70 19.00 3.12 -3.09
C VAL A 70 20.03 2.05 -3.37
N THR A 71 19.62 0.95 -4.01
CA THR A 71 20.55 -0.12 -4.33
C THR A 71 21.71 0.40 -5.16
N GLN A 72 21.41 1.18 -6.20
CA GLN A 72 22.46 1.70 -7.08
C GLN A 72 23.35 2.70 -6.35
N TYR A 73 22.76 3.62 -5.58
CA TYR A 73 23.55 4.61 -4.85
C TYR A 73 24.45 3.95 -3.83
N GLU A 74 23.91 2.99 -3.07
CA GLU A 74 24.72 2.36 -2.03
C GLU A 74 25.83 1.50 -2.63
N ALA A 75 25.59 0.90 -3.80
CA ALA A 75 26.66 0.17 -4.48
C ALA A 75 27.76 1.10 -5.01
N ALA A 76 27.43 2.37 -5.23
CA ALA A 76 28.39 3.36 -5.71
C ALA A 76 29.06 4.15 -4.58
N GLY A 77 28.75 3.83 -3.32
CA GLY A 77 29.34 4.57 -2.21
C GLY A 77 28.69 5.88 -1.87
N ARG A 78 27.53 6.19 -2.45
CA ARG A 78 26.87 7.48 -2.22
C ARG A 78 25.72 7.30 -1.25
N GLN A 79 26.08 7.09 0.02
CA GLN A 79 25.05 6.92 1.04
C GLN A 79 24.23 8.18 1.20
N ASP A 80 24.85 9.35 1.05
CA ASP A 80 24.10 10.61 1.16
C ASP A 80 22.93 10.64 0.18
N LEU A 81 23.17 10.19 -1.06
CA LEU A 81 22.08 10.19 -2.03
C LEU A 81 21.06 9.09 -1.73
N ALA A 82 21.54 7.93 -1.26
CA ALA A 82 20.61 6.85 -0.89
C ALA A 82 19.71 7.28 0.28
N ASP A 83 20.25 8.09 1.20
CA ASP A 83 19.46 8.59 2.32
C ASP A 83 18.36 9.52 1.86
N VAL A 84 18.64 10.38 0.88
CA VAL A 84 17.57 11.20 0.31
C VAL A 84 16.47 10.30 -0.24
N GLU A 85 16.85 9.23 -0.95
CA GLU A 85 15.83 8.33 -1.49
C GLU A 85 15.06 7.63 -0.36
N GLN A 86 15.75 7.27 0.73
CA GLN A 86 15.07 6.66 1.87
C GLN A 86 14.10 7.64 2.52
N ALA A 87 14.49 8.91 2.60
CA ALA A 87 13.59 9.93 3.14
C ALA A 87 12.35 10.07 2.28
N GLU A 88 12.52 9.99 0.96
CA GLU A 88 11.36 9.98 0.07
C GLU A 88 10.47 8.78 0.35
N ILE A 89 11.08 7.60 0.53
CA ILE A 89 10.29 6.39 0.78
C ILE A 89 9.49 6.55 2.07
N THR A 90 10.11 7.13 3.08
CA THR A 90 9.42 7.29 4.36
C THR A 90 8.21 8.20 4.21
N VAL A 91 8.31 9.25 3.39
CA VAL A 91 7.17 10.11 3.10
C VAL A 91 6.06 9.32 2.42
N LEU A 92 6.42 8.54 1.40
CA LEU A 92 5.42 7.75 0.69
C LEU A 92 4.76 6.72 1.59
N GLU A 93 5.55 6.05 2.43
CA GLU A 93 5.00 4.96 3.24
C GLU A 93 3.98 5.44 4.26
N GLU A 94 3.96 6.75 4.56
CA GLU A 94 2.97 7.28 5.49
C GLU A 94 1.55 6.94 5.06
N PHE A 95 1.31 6.86 3.75
CA PHE A 95 0.00 6.63 3.18
C PHE A 95 -0.30 5.16 2.99
N MET A 96 0.62 4.29 3.35
CA MET A 96 0.37 2.90 3.06
C MET A 96 -0.13 2.15 4.30
N PRO A 97 -0.94 1.12 4.11
CA PRO A 97 -1.51 0.42 5.27
C PRO A 97 -0.46 -0.37 6.03
N GLN A 98 -0.71 -0.58 7.32
CA GLN A 98 0.16 -1.53 7.99
C GLN A 98 -0.25 -2.95 7.63
N PRO A 99 0.70 -3.88 7.64
CA PRO A 99 0.34 -5.29 7.45
C PRO A 99 -0.66 -5.74 8.52
N LEU A 100 -1.52 -6.69 8.15
CA LEU A 100 -2.46 -7.23 9.11
C LEU A 100 -1.73 -8.01 10.18
N THR A 101 -2.19 -7.89 11.42
CA THR A 101 -1.66 -8.71 12.52
C THR A 101 -2.17 -10.15 12.40
N GLU A 102 -1.53 -11.04 13.14
CA GLU A 102 -2.03 -12.41 13.25
C GLU A 102 -3.48 -12.43 13.70
N GLU A 103 -3.80 -11.65 14.73
CA GLU A 103 -5.16 -11.67 15.26
C GLU A 103 -6.15 -11.05 14.27
N GLU A 104 -5.72 -10.03 13.52
CA GLU A 104 -6.57 -9.45 12.49
C GLU A 104 -6.88 -10.45 11.39
N VAL A 105 -5.87 -11.19 10.92
CA VAL A 105 -6.11 -12.18 9.88
C VAL A 105 -7.05 -13.27 10.39
N ALA A 106 -6.82 -13.74 11.62
CA ALA A 106 -7.69 -14.76 12.17
C ALA A 106 -9.13 -14.28 12.22
N ALA A 107 -9.34 -13.02 12.56
CA ALA A 107 -10.70 -12.49 12.58
C ALA A 107 -11.33 -12.43 11.19
N LEU A 108 -10.59 -11.93 10.19
CA LEU A 108 -11.11 -11.93 8.83
C LEU A 108 -11.52 -13.33 8.38
N ILE A 109 -10.68 -14.32 8.67
CA ILE A 109 -10.99 -15.70 8.32
C ILE A 109 -12.29 -16.15 8.98
N GLU A 110 -12.42 -15.92 10.31
CA GLU A 110 -13.63 -16.36 11.00
C GLU A 110 -14.87 -15.66 10.45
N LYS A 111 -14.74 -14.38 10.07
CA LYS A 111 -15.86 -13.67 9.48
C LYS A 111 -16.19 -14.25 8.11
N ALA A 112 -15.17 -14.50 7.29
CA ALA A 112 -15.38 -15.07 5.97
C ALA A 112 -16.04 -16.44 6.07
N ILE A 113 -15.66 -17.25 7.06
CA ILE A 113 -16.30 -18.55 7.24
C ILE A 113 -17.74 -18.38 7.69
N ALA A 114 -18.02 -17.47 8.63
CA ALA A 114 -19.39 -17.31 9.12
C ALA A 114 -20.32 -16.87 8.00
N GLU A 115 -19.87 -15.92 7.17
CA GLU A 115 -20.77 -15.31 6.21
C GLU A 115 -20.96 -16.20 4.99
N SER A 116 -19.96 -17.02 4.66
CA SER A 116 -20.04 -17.91 3.53
C SER A 116 -20.58 -19.28 3.89
N GLY A 117 -20.76 -19.57 5.18
CA GLY A 117 -21.23 -20.88 5.58
C GLY A 117 -20.25 -21.99 5.23
N ALA A 118 -18.97 -21.67 5.18
CA ALA A 118 -17.97 -22.64 4.78
C ALA A 118 -17.83 -23.75 5.80
N ALA A 119 -17.72 -24.98 5.31
CA ALA A 119 -17.47 -26.14 6.16
C ALA A 119 -16.66 -27.13 5.36
N GLY A 120 -15.45 -27.45 5.83
CA GLY A 120 -14.60 -28.44 5.19
C GLY A 120 -13.73 -27.87 4.08
N MET A 121 -12.74 -28.69 3.68
CA MET A 121 -11.72 -28.26 2.73
C MET A 121 -12.28 -27.97 1.35
N GLN A 122 -13.43 -28.53 1.00
CA GLN A 122 -14.04 -28.22 -0.29
C GLN A 122 -14.42 -26.74 -0.40
N ASP A 123 -14.57 -26.05 0.73
CA ASP A 123 -14.92 -24.64 0.72
C ASP A 123 -13.70 -23.72 0.82
N MET A 124 -12.49 -24.25 0.61
CA MET A 124 -11.30 -23.42 0.63
C MET A 124 -11.40 -22.27 -0.38
N GLY A 125 -11.83 -22.57 -1.61
CA GLY A 125 -11.95 -21.51 -2.59
C GLY A 125 -12.99 -20.48 -2.21
N LYS A 126 -14.12 -20.92 -1.65
CA LYS A 126 -15.17 -20.02 -1.22
C LYS A 126 -14.63 -19.00 -0.22
N VAL A 127 -13.86 -19.46 0.75
CA VAL A 127 -13.32 -18.56 1.77
C VAL A 127 -12.25 -17.64 1.19
N MET A 128 -11.32 -18.21 0.41
CA MET A 128 -10.22 -17.38 -0.10
C MET A 128 -10.72 -16.33 -1.07
N GLY A 129 -11.76 -16.64 -1.83
CA GLY A 129 -12.31 -15.63 -2.73
C GLY A 129 -12.91 -14.46 -1.97
N VAL A 130 -13.52 -14.73 -0.81
CA VAL A 130 -13.97 -13.66 0.07
C VAL A 130 -12.79 -12.88 0.62
N LEU A 131 -11.73 -13.59 1.04
CA LEU A 131 -10.62 -12.94 1.73
C LEU A 131 -9.72 -12.17 0.77
N LYS A 132 -9.48 -12.73 -0.43
CA LYS A 132 -8.40 -12.19 -1.27
C LYS A 132 -8.54 -10.70 -1.49
N PRO A 133 -9.70 -10.15 -1.86
CA PRO A 133 -9.81 -8.69 -1.97
C PRO A 133 -9.63 -7.98 -0.64
N GLN A 134 -10.04 -8.60 0.47
CA GLN A 134 -9.91 -7.96 1.77
C GLN A 134 -8.48 -7.95 2.29
N ILE A 135 -7.62 -8.81 1.75
CA ILE A 135 -6.29 -8.97 2.30
CA ILE A 135 -6.27 -9.01 2.27
C ILE A 135 -5.27 -8.20 1.46
N GLN A 136 -5.54 -8.05 0.16
CA GLN A 136 -4.69 -7.26 -0.74
C GLN A 136 -3.27 -7.80 -0.66
N GLY A 137 -2.27 -6.97 -0.40
CA GLY A 137 -0.92 -7.47 -0.21
C GLY A 137 -0.48 -7.28 1.23
N ARG A 138 -1.44 -7.29 2.15
CA ARG A 138 -1.17 -7.03 3.58
C ARG A 138 -0.90 -8.30 4.37
N ALA A 139 -0.86 -9.45 3.71
CA ALA A 139 -0.51 -10.71 4.36
C ALA A 139 -0.01 -11.71 3.32
N ASP A 140 0.69 -12.73 3.80
CA ASP A 140 1.13 -13.85 2.96
C ASP A 140 -0.05 -14.76 2.69
N MET A 141 -0.44 -14.86 1.41
CA MET A 141 -1.62 -15.65 1.05
C MET A 141 -1.42 -17.13 1.35
N GLY A 142 -0.20 -17.64 1.20
CA GLY A 142 0.05 -19.02 1.54
C GLY A 142 -0.21 -19.31 3.00
N LYS A 143 0.17 -18.40 3.88
CA LYS A 143 -0.10 -18.59 5.31
C LYS A 143 -1.60 -18.46 5.58
N VAL A 144 -2.24 -17.48 4.94
CA VAL A 144 -3.69 -17.34 5.07
C VAL A 144 -4.38 -18.64 4.64
N SER A 145 -4.01 -19.15 3.46
CA SER A 145 -4.45 -20.49 3.03
C SER A 145 -4.33 -21.51 4.16
N GLY A 146 -3.15 -21.59 4.78
CA GLY A 146 -2.93 -22.60 5.80
C GLY A 146 -3.80 -22.39 7.03
N LEU A 147 -4.00 -21.14 7.42
CA LEU A 147 -4.91 -20.85 8.52
C LEU A 147 -6.33 -21.25 8.16
N VAL A 148 -6.74 -20.97 6.91
CA VAL A 148 -8.08 -21.34 6.48
C VAL A 148 -8.22 -22.86 6.41
N ARG A 149 -7.19 -23.55 5.93
CA ARG A 149 -7.24 -25.01 5.85
C ARG A 149 -7.42 -25.64 7.21
N ALA A 150 -6.77 -25.07 8.22
CA ALA A 150 -6.92 -25.56 9.60
C ALA A 150 -8.38 -25.51 10.03
N LYS A 151 -9.03 -24.35 9.89
CA LYS A 151 -10.42 -24.26 10.35
C LYS A 151 -11.33 -25.16 9.56
N LEU A 152 -11.04 -25.36 8.27
CA LEU A 152 -11.85 -26.19 7.41
C LEU A 152 -11.36 -27.64 7.42
ZN ZN B . 14.84 10.83 -5.08
ZN ZN C . -3.40 5.37 6.34
ZN ZN D . 2.31 13.92 7.64
#